data_9QI7
#
_entry.id   9QI7
#
_cell.length_a   110.660
_cell.length_b   117.068
_cell.length_c   51.061
_cell.angle_alpha   90.00
_cell.angle_beta   90.00
_cell.angle_gamma   90.00
#
_symmetry.space_group_name_H-M   'C 2 2 21'
#
loop_
_entity.id
_entity.type
_entity.pdbx_description
1 polymer Beta-lactamase
2 non-polymer (2S,5R)-1-formyl-5-[(sulfooxy)amino]piperidine-2-carboxamide
3 non-polymer DI(HYDROXYETHYL)ETHER
4 non-polymer 'ACETATE ION'
5 non-polymer GLYCEROL
6 non-polymer 'ZINC ION'
7 water water
#
_entity_poly.entity_id   1
_entity_poly.type   'polypeptide(L)'
_entity_poly.pdbx_seq_one_letter_code
;LADRFAELERRYDARLGVYVPATGTTAAIEYRADERFAFCSTFKAPLVAAVLHQNPLTHLDKLITYTSDDIRSRSPVAQQ
HVQTGMTIGQLCDAAIRYSDGTAANLLLADLGGPGGGTAAFTGYLRSLGDTVSRLDAEEPELNRDPPGDERDTTTPHAIA
LVLQQLVLGNALPPDKRALLTDWMARNTTGAKRIRAGFPADWKVIDKTGTGDYGRANDIAVVWSPTGVPYVVAVMSDRAG
GGYDAEPREALLAEAATCVAGVLA
;
_entity_poly.pdbx_strand_id   A
#
# COMPACT_ATOMS: atom_id res chain seq x y z
N LEU A 1 16.28 17.20 8.02
CA LEU A 1 15.96 15.80 7.72
C LEU A 1 16.21 15.48 6.24
N ALA A 2 16.19 16.52 5.39
CA ALA A 2 16.57 16.40 3.99
C ALA A 2 17.96 15.79 3.84
N ASP A 3 18.91 16.23 4.67
CA ASP A 3 20.29 15.77 4.61
C ASP A 3 20.41 14.28 4.91
N ARG A 4 19.76 13.84 6.00
CA ARG A 4 19.80 12.44 6.38
C ARG A 4 19.22 11.56 5.27
N PHE A 5 18.10 11.98 4.67
CA PHE A 5 17.47 11.19 3.61
C PHE A 5 18.36 11.05 2.37
N ALA A 6 18.98 12.16 1.94
CA ALA A 6 19.96 12.12 0.87
C ALA A 6 21.08 11.13 1.19
N GLU A 7 21.57 11.15 2.43
CA GLU A 7 22.63 10.24 2.85
C GLU A 7 22.19 8.78 2.75
N LEU A 8 20.92 8.52 3.09
CA LEU A 8 20.34 7.20 2.93
C LEU A 8 20.30 6.79 1.46
N GLU A 9 19.94 7.74 0.58
CA GLU A 9 19.92 7.44 -0.83
C GLU A 9 21.29 6.96 -1.29
N ARG A 10 22.35 7.73 -1.02
CA ARG A 10 23.69 7.36 -1.46
C ARG A 10 24.21 6.12 -0.73
N ARG A 11 23.86 5.94 0.54
CA ARG A 11 24.29 4.77 1.29
C ARG A 11 23.67 3.50 0.73
N TYR A 12 22.42 3.58 0.23
CA TYR A 12 21.74 2.42 -0.33
C TYR A 12 21.63 2.40 -1.87
N ASP A 13 22.29 3.35 -2.53
CA ASP A 13 22.20 3.52 -3.98
C ASP A 13 20.77 3.41 -4.48
N ALA A 14 19.91 4.28 -3.93
CA ALA A 14 18.48 4.24 -4.19
C ALA A 14 17.86 5.62 -4.24
N ARG A 15 16.65 5.68 -4.79
CA ARG A 15 15.81 6.87 -4.71
C ARG A 15 14.78 6.66 -3.61
N LEU A 16 14.63 7.65 -2.74
CA LEU A 16 13.78 7.55 -1.56
C LEU A 16 12.75 8.68 -1.55
N GLY A 17 11.49 8.30 -1.31
CA GLY A 17 10.40 9.25 -1.19
C GLY A 17 9.69 9.07 0.16
N VAL A 18 9.50 10.18 0.88
CA VAL A 18 8.86 10.16 2.18
C VAL A 18 7.77 11.22 2.22
N TYR A 19 6.65 10.88 2.85
CA TYR A 19 5.63 11.86 3.19
C TYR A 19 4.94 11.49 4.48
N VAL A 20 4.86 12.48 5.39
CA VAL A 20 4.14 12.35 6.64
C VAL A 20 3.25 13.57 6.77
N PRO A 21 1.90 13.44 6.71
CA PRO A 21 1.03 14.60 6.85
C PRO A 21 1.30 15.35 8.15
N ALA A 22 1.03 16.66 8.12
CA ALA A 22 1.15 17.48 9.32
C ALA A 22 0.02 17.13 10.27
N THR A 23 0.24 17.43 11.57
CA THR A 23 -0.77 17.28 12.60
C THR A 23 -0.88 18.61 13.34
N GLY A 24 -1.80 18.68 14.30
CA GLY A 24 -1.91 19.83 15.18
C GLY A 24 -0.62 20.27 15.85
N THR A 25 0.29 19.31 16.12
CA THR A 25 1.53 19.60 16.84
C THR A 25 2.82 19.22 16.13
N THR A 26 2.69 18.58 14.95
CA THR A 26 3.86 18.22 14.16
C THR A 26 3.74 18.78 12.74
N ALA A 27 4.86 19.31 12.26
CA ALA A 27 5.00 19.71 10.88
C ALA A 27 4.97 18.46 10.01
N ALA A 28 4.59 18.65 8.75
CA ALA A 28 4.72 17.61 7.75
C ALA A 28 6.20 17.26 7.53
N ILE A 29 6.44 16.07 6.99
CA ILE A 29 7.76 15.67 6.53
C ILE A 29 7.67 15.32 5.05
N GLU A 30 8.65 15.79 4.27
CA GLU A 30 8.58 15.78 2.81
C GLU A 30 9.95 15.55 2.17
N TYR A 31 10.07 14.44 1.44
CA TYR A 31 11.27 14.19 0.65
C TYR A 31 10.86 13.47 -0.64
N ARG A 32 11.13 14.11 -1.78
CA ARG A 32 10.66 13.66 -3.08
C ARG A 32 9.20 13.25 -3.05
N ALA A 33 8.39 13.97 -2.27
CA ALA A 33 7.04 13.53 -1.96
C ALA A 33 6.10 13.57 -3.16
N ASP A 34 6.39 14.43 -4.13
CA ASP A 34 5.60 14.50 -5.35
C ASP A 34 6.21 13.76 -6.53
N GLU A 35 7.29 13.01 -6.31
CA GLU A 35 7.86 12.21 -7.38
C GLU A 35 7.05 10.93 -7.45
N ARG A 36 6.90 10.40 -8.68
CA ARG A 36 6.11 9.21 -8.92
C ARG A 36 6.92 7.96 -8.57
N PHE A 37 6.29 7.03 -7.86
CA PHE A 37 6.82 5.69 -7.65
C PHE A 37 5.76 4.65 -7.98
N ALA A 38 6.20 3.44 -8.36
CA ALA A 38 5.24 2.37 -8.61
C ALA A 38 4.54 1.99 -7.31
N PHE A 39 3.21 1.82 -7.41
CA PHE A 39 2.39 1.27 -6.33
C PHE A 39 2.94 -0.03 -5.76
N CYS A 40 3.21 -0.99 -6.66
CA CYS A 40 3.40 -2.39 -6.32
C CYS A 40 2.18 -2.78 -5.49
N SER A 41 2.34 -3.58 -4.43
CA SER A 41 1.17 -4.12 -3.74
C SER A 41 0.47 -3.12 -2.82
N THR A 42 1.01 -1.90 -2.67
CA THR A 42 0.44 -0.94 -1.76
C THR A 42 -0.99 -0.56 -2.16
N PHE A 43 -1.33 -0.74 -3.45
CA PHE A 43 -2.68 -0.40 -3.92
C PHE A 43 -3.78 -1.29 -3.31
N LYS A 44 -3.40 -2.43 -2.73
CA LYS A 44 -4.38 -3.37 -2.24
C LYS A 44 -5.15 -2.83 -1.03
N ALA A 45 -4.54 -1.90 -0.29
CA ALA A 45 -5.23 -1.22 0.79
C ALA A 45 -6.39 -0.34 0.33
N PRO A 46 -6.17 0.66 -0.55
CA PRO A 46 -7.29 1.40 -1.14
C PRO A 46 -8.27 0.54 -1.95
N LEU A 47 -7.77 -0.55 -2.55
CA LEU A 47 -8.61 -1.49 -3.26
C LEU A 47 -9.70 -2.06 -2.36
N VAL A 48 -9.31 -2.56 -1.18
CA VAL A 48 -10.27 -3.12 -0.26
C VAL A 48 -11.26 -2.02 0.14
N ALA A 49 -10.75 -0.80 0.30
CA ALA A 49 -11.59 0.33 0.67
C ALA A 49 -12.62 0.62 -0.42
N ALA A 50 -12.19 0.52 -1.68
CA ALA A 50 -13.08 0.67 -2.82
C ALA A 50 -14.22 -0.35 -2.79
N VAL A 51 -13.85 -1.60 -2.52
CA VAL A 51 -14.82 -2.69 -2.51
C VAL A 51 -15.82 -2.48 -1.37
N LEU A 52 -15.29 -2.21 -0.17
CA LEU A 52 -16.13 -1.87 0.98
C LEU A 52 -17.08 -0.71 0.69
N HIS A 53 -16.53 0.38 0.12
CA HIS A 53 -17.33 1.55 -0.21
C HIS A 53 -18.52 1.24 -1.12
N GLN A 54 -18.29 0.47 -2.19
CA GLN A 54 -19.29 0.21 -3.21
C GLN A 54 -20.44 -0.72 -2.81
N ASN A 55 -20.27 -1.48 -1.72
CA ASN A 55 -21.23 -2.50 -1.34
C ASN A 55 -21.62 -2.45 0.13
N PRO A 56 -22.80 -2.98 0.51
CA PRO A 56 -23.06 -3.24 1.92
C PRO A 56 -22.20 -4.40 2.42
N LEU A 57 -22.11 -4.53 3.74
CA LEU A 57 -21.27 -5.54 4.36
C LEU A 57 -21.61 -6.97 3.92
N THR A 58 -22.89 -7.23 3.62
CA THR A 58 -23.32 -8.57 3.28
C THR A 58 -22.65 -9.09 2.01
N HIS A 59 -22.17 -8.16 1.16
CA HIS A 59 -21.41 -8.53 -0.03
C HIS A 59 -20.14 -9.30 0.32
N LEU A 60 -19.55 -9.01 1.49
CA LEU A 60 -18.35 -9.70 1.96
C LEU A 60 -18.52 -11.22 2.01
N ASP A 61 -19.76 -11.68 2.23
CA ASP A 61 -20.08 -13.09 2.24
C ASP A 61 -20.33 -13.73 0.86
N LYS A 62 -20.24 -12.94 -0.22
CA LYS A 62 -20.41 -13.49 -1.56
C LYS A 62 -19.20 -14.34 -1.93
N LEU A 63 -19.45 -15.61 -2.27
CA LEU A 63 -18.41 -16.55 -2.65
C LEU A 63 -17.97 -16.31 -4.10
N ILE A 64 -16.65 -16.22 -4.31
CA ILE A 64 -16.10 -16.08 -5.65
C ILE A 64 -15.41 -17.39 -6.04
N THR A 65 -15.87 -17.99 -7.14
CA THR A 65 -15.22 -19.18 -7.68
C THR A 65 -14.16 -18.78 -8.70
N TYR A 66 -13.10 -19.59 -8.78
CA TYR A 66 -12.04 -19.38 -9.75
C TYR A 66 -11.32 -20.69 -10.04
N THR A 67 -10.53 -20.69 -11.12
CA THR A 67 -9.83 -21.89 -11.55
C THR A 67 -8.32 -21.75 -11.31
N SER A 68 -7.61 -22.82 -11.63
CA SER A 68 -6.15 -22.80 -11.73
C SER A 68 -5.67 -21.69 -12.65
N ASP A 69 -6.36 -21.51 -13.79
CA ASP A 69 -6.01 -20.49 -14.76
C ASP A 69 -5.95 -19.08 -14.18
N ASP A 70 -6.87 -18.79 -13.25
CA ASP A 70 -6.98 -17.48 -12.65
C ASP A 70 -5.84 -17.09 -11.70
N ILE A 71 -4.82 -17.96 -11.59
CA ILE A 71 -3.63 -17.70 -10.78
C ILE A 71 -2.42 -17.46 -11.69
N ARG A 72 -2.06 -16.19 -11.86
CA ARG A 72 -0.96 -15.78 -12.72
C ARG A 72 0.16 -15.06 -11.97
N SER A 73 0.04 -14.99 -10.63
CA SER A 73 0.98 -14.25 -9.80
C SER A 73 1.02 -14.82 -8.39
N ARG A 74 2.00 -14.38 -7.60
CA ARG A 74 2.17 -14.80 -6.21
C ARG A 74 0.85 -14.72 -5.45
N SER A 75 0.30 -15.90 -5.12
CA SER A 75 -0.99 -16.03 -4.46
C SER A 75 -0.91 -17.10 -3.37
N PRO A 76 -0.33 -16.81 -2.19
CA PRO A 76 -0.18 -17.82 -1.15
C PRO A 76 -1.52 -18.42 -0.71
N VAL A 77 -2.53 -17.55 -0.59
CA VAL A 77 -3.86 -17.93 -0.16
C VAL A 77 -4.73 -18.54 -1.26
N ALA A 78 -4.87 -17.86 -2.40
CA ALA A 78 -5.78 -18.31 -3.44
C ALA A 78 -5.48 -19.72 -3.92
N GLN A 79 -4.19 -20.08 -3.90
CA GLN A 79 -3.72 -21.43 -4.19
C GLN A 79 -4.35 -22.49 -3.27
N GLN A 80 -4.60 -22.11 -2.02
CA GLN A 80 -5.09 -23.04 -1.01
C GLN A 80 -6.61 -23.27 -1.07
N HIS A 81 -7.33 -22.34 -1.70
CA HIS A 81 -8.79 -22.34 -1.67
C HIS A 81 -9.42 -22.47 -3.06
N VAL A 82 -8.64 -22.95 -4.03
CA VAL A 82 -9.15 -23.13 -5.39
C VAL A 82 -10.32 -24.10 -5.45
N GLN A 83 -10.35 -25.11 -4.57
CA GLN A 83 -11.38 -26.13 -4.63
C GLN A 83 -12.72 -25.63 -4.09
N THR A 84 -12.69 -24.68 -3.14
CA THR A 84 -13.89 -24.07 -2.60
C THR A 84 -14.23 -22.70 -3.15
N GLY A 85 -13.21 -21.97 -3.61
CA GLY A 85 -13.36 -20.55 -3.88
C GLY A 85 -13.23 -19.73 -2.59
N MET A 86 -13.29 -18.39 -2.74
CA MET A 86 -13.13 -17.49 -1.62
C MET A 86 -14.20 -16.39 -1.61
N THR A 87 -14.66 -16.02 -0.41
CA THR A 87 -15.59 -14.93 -0.27
C THR A 87 -14.87 -13.59 -0.43
N ILE A 88 -15.64 -12.54 -0.76
CA ILE A 88 -15.09 -11.20 -0.94
C ILE A 88 -14.27 -10.82 0.29
N GLY A 89 -14.81 -11.08 1.49
CA GLY A 89 -14.10 -10.81 2.74
C GLY A 89 -12.76 -11.53 2.87
N GLN A 90 -12.72 -12.79 2.46
CA GLN A 90 -11.48 -13.57 2.46
C GLN A 90 -10.48 -13.03 1.46
N LEU A 91 -10.97 -12.58 0.31
CA LEU A 91 -10.13 -11.97 -0.70
C LEU A 91 -9.55 -10.66 -0.18
N CYS A 92 -10.39 -9.86 0.48
CA CYS A 92 -9.92 -8.64 1.15
C CYS A 92 -8.79 -8.95 2.13
N ASP A 93 -9.03 -9.97 2.97
CA ASP A 93 -8.09 -10.45 3.96
C ASP A 93 -6.78 -10.91 3.33
N ALA A 94 -6.88 -11.74 2.27
CA ALA A 94 -5.70 -12.24 1.59
C ALA A 94 -4.92 -11.10 0.96
N ALA A 95 -5.64 -10.14 0.39
CA ALA A 95 -4.98 -9.02 -0.35
C ALA A 95 -4.16 -8.13 0.58
N ILE A 96 -4.63 -7.89 1.80
CA ILE A 96 -3.91 -6.95 2.69
C ILE A 96 -2.82 -7.69 3.48
N ARG A 97 -3.12 -8.89 3.99
CA ARG A 97 -2.19 -9.57 4.92
C ARG A 97 -1.20 -10.51 4.23
N TYR A 98 -1.51 -10.97 3.03
CA TYR A 98 -0.59 -11.86 2.32
C TYR A 98 -0.29 -11.31 0.93
N SER A 99 -0.90 -10.19 0.58
CA SER A 99 -0.57 -9.48 -0.65
C SER A 99 -0.84 -10.39 -1.84
N ASP A 100 -1.93 -11.15 -1.74
CA ASP A 100 -2.21 -12.25 -2.66
C ASP A 100 -2.59 -11.66 -4.01
N GLY A 101 -1.95 -12.17 -5.08
CA GLY A 101 -2.05 -11.55 -6.39
C GLY A 101 -3.45 -11.76 -6.99
N THR A 102 -3.92 -13.00 -6.92
CA THR A 102 -5.21 -13.38 -7.45
C THR A 102 -6.34 -12.68 -6.67
N ALA A 103 -6.21 -12.65 -5.35
CA ALA A 103 -7.19 -11.98 -4.51
C ALA A 103 -7.36 -10.53 -4.95
N ALA A 104 -6.25 -9.87 -5.27
CA ALA A 104 -6.28 -8.49 -5.70
C ALA A 104 -7.01 -8.38 -7.04
N ASN A 105 -6.68 -9.27 -7.98
CA ASN A 105 -7.32 -9.28 -9.29
C ASN A 105 -8.81 -9.60 -9.21
N LEU A 106 -9.21 -10.53 -8.35
CA LEU A 106 -10.62 -10.88 -8.22
C LEU A 106 -11.39 -9.69 -7.64
N LEU A 107 -10.80 -8.97 -6.69
CA LEU A 107 -11.41 -7.76 -6.15
C LEU A 107 -11.49 -6.65 -7.20
N LEU A 108 -10.45 -6.49 -8.02
CA LEU A 108 -10.52 -5.55 -9.12
C LEU A 108 -11.70 -5.89 -10.03
N ALA A 109 -11.86 -7.17 -10.35
CA ALA A 109 -12.97 -7.61 -11.16
C ALA A 109 -14.32 -7.32 -10.49
N ASP A 110 -14.40 -7.47 -9.17
CA ASP A 110 -15.62 -7.20 -8.43
C ASP A 110 -16.07 -5.74 -8.60
N LEU A 111 -15.11 -4.80 -8.62
CA LEU A 111 -15.40 -3.40 -8.83
C LEU A 111 -16.14 -3.12 -10.14
N GLY A 112 -15.78 -3.86 -11.19
CA GLY A 112 -16.50 -3.82 -12.47
C GLY A 112 -15.93 -2.84 -13.48
N GLY A 113 -16.46 -2.88 -14.70
CA GLY A 113 -16.09 -1.96 -15.77
C GLY A 113 -14.75 -2.27 -16.44
N PRO A 114 -14.28 -1.37 -17.34
CA PRO A 114 -13.12 -1.64 -18.18
C PRO A 114 -11.80 -1.90 -17.44
N GLY A 115 -10.83 -2.46 -18.18
CA GLY A 115 -9.50 -2.76 -17.68
C GLY A 115 -9.45 -3.81 -16.56
N GLY A 116 -10.46 -4.68 -16.51
CA GLY A 116 -10.59 -5.63 -15.42
C GLY A 116 -10.83 -4.98 -14.05
N GLY A 117 -11.33 -3.73 -14.05
CA GLY A 117 -11.61 -3.01 -12.81
C GLY A 117 -10.60 -1.93 -12.44
N THR A 118 -9.49 -1.85 -13.18
CA THR A 118 -8.46 -0.85 -12.93
C THR A 118 -8.96 0.58 -13.13
N ALA A 119 -9.91 0.79 -14.07
CA ALA A 119 -10.47 2.10 -14.32
C ALA A 119 -11.36 2.53 -13.15
N ALA A 120 -12.21 1.61 -12.68
CA ALA A 120 -13.05 1.83 -11.52
C ALA A 120 -12.23 2.14 -10.28
N PHE A 121 -11.07 1.48 -10.16
CA PHE A 121 -10.21 1.68 -9.01
C PHE A 121 -9.62 3.08 -9.02
N THR A 122 -9.06 3.48 -10.18
CA THR A 122 -8.56 4.83 -10.35
C THR A 122 -9.66 5.88 -10.15
N GLY A 123 -10.85 5.61 -10.70
CA GLY A 123 -12.02 6.42 -10.44
C GLY A 123 -12.29 6.64 -8.96
N TYR A 124 -12.15 5.58 -8.15
CA TYR A 124 -12.36 5.66 -6.72
C TYR A 124 -11.32 6.55 -6.07
N LEU A 125 -10.06 6.44 -6.50
CA LEU A 125 -9.02 7.33 -6.01
C LEU A 125 -9.33 8.79 -6.36
N ARG A 126 -9.81 9.03 -7.59
CA ARG A 126 -10.29 10.35 -7.98
C ARG A 126 -11.41 10.88 -7.08
N SER A 127 -12.37 10.01 -6.72
CA SER A 127 -13.46 10.38 -5.84
C SER A 127 -12.96 10.77 -4.44
N LEU A 128 -11.82 10.22 -4.02
CA LEU A 128 -11.19 10.58 -2.76
C LEU A 128 -10.41 11.89 -2.79
N GLY A 129 -10.27 12.50 -3.98
CA GLY A 129 -9.49 13.70 -4.14
C GLY A 129 -8.05 13.46 -4.62
N ASP A 130 -7.72 12.20 -4.91
CA ASP A 130 -6.40 11.87 -5.43
C ASP A 130 -6.40 12.02 -6.95
N THR A 131 -5.72 13.08 -7.42
CA THR A 131 -5.59 13.41 -8.84
C THR A 131 -4.32 12.84 -9.48
N VAL A 132 -3.47 12.22 -8.66
CA VAL A 132 -2.13 11.85 -9.08
C VAL A 132 -2.05 10.36 -9.44
N SER A 133 -2.57 9.49 -8.57
CA SER A 133 -2.39 8.05 -8.73
C SER A 133 -3.17 7.45 -9.89
N ARG A 134 -2.65 6.35 -10.42
CA ARG A 134 -3.30 5.62 -11.48
C ARG A 134 -2.90 4.14 -11.43
N LEU A 135 -3.88 3.27 -11.72
CA LEU A 135 -3.66 1.85 -11.89
C LEU A 135 -4.20 1.47 -13.26
N ASP A 136 -3.35 0.79 -14.04
CA ASP A 136 -3.64 0.49 -15.43
C ASP A 136 -3.64 -1.01 -15.70
N ALA A 137 -2.76 -1.73 -14.99
CA ALA A 137 -2.64 -3.18 -15.14
C ALA A 137 -3.09 -3.89 -13.86
N GLU A 138 -3.23 -5.19 -14.02
CA GLU A 138 -3.53 -6.08 -12.89
C GLU A 138 -2.23 -6.81 -12.56
N GLU A 139 -2.23 -7.67 -11.55
CA GLU A 139 -1.08 -8.48 -11.19
C GLU A 139 -0.86 -9.58 -12.23
N PRO A 140 0.40 -9.97 -12.58
CA PRO A 140 1.62 -9.36 -12.05
C PRO A 140 2.17 -8.16 -12.83
N GLU A 141 1.54 -7.83 -13.97
CA GLU A 141 2.00 -6.78 -14.86
C GLU A 141 2.35 -5.48 -14.14
N LEU A 142 1.48 -5.04 -13.22
CA LEU A 142 1.60 -3.72 -12.63
C LEU A 142 2.89 -3.46 -11.86
N ASN A 143 3.70 -4.51 -11.63
CA ASN A 143 4.98 -4.36 -10.94
C ASN A 143 6.14 -4.23 -11.90
N ARG A 144 5.87 -4.46 -13.20
CA ARG A 144 6.86 -4.55 -14.25
C ARG A 144 6.84 -3.41 -15.27
N ASP A 145 6.34 -2.23 -14.88
CA ASP A 145 6.45 -1.05 -15.71
C ASP A 145 7.86 -0.52 -15.47
N PRO A 146 8.64 -0.22 -16.54
CA PRO A 146 9.98 0.32 -16.34
C PRO A 146 10.00 1.70 -15.69
N PRO A 147 11.15 2.13 -15.13
CA PRO A 147 11.32 3.53 -14.73
C PRO A 147 10.89 4.50 -15.83
N GLY A 148 10.22 5.58 -15.44
CA GLY A 148 9.76 6.59 -16.37
C GLY A 148 8.31 6.40 -16.81
N ASP A 149 7.85 5.14 -16.82
CA ASP A 149 6.47 4.83 -17.13
C ASP A 149 5.58 5.31 -15.98
N GLU A 150 4.49 5.98 -16.38
CA GLU A 150 3.55 6.59 -15.45
C GLU A 150 2.46 5.62 -15.00
N ARG A 151 2.26 4.56 -15.77
CA ARG A 151 1.25 3.56 -15.44
C ARG A 151 1.56 2.97 -14.06
N ASP A 152 0.49 2.70 -13.32
CA ASP A 152 0.56 2.03 -12.03
C ASP A 152 1.44 2.75 -11.00
N THR A 153 1.49 4.09 -11.05
CA THR A 153 2.24 4.87 -10.09
C THR A 153 1.36 5.73 -9.17
N THR A 154 1.94 6.06 -8.02
CA THR A 154 1.40 7.02 -7.07
C THR A 154 2.57 7.90 -6.66
N THR A 155 2.34 8.79 -5.69
CA THR A 155 3.40 9.54 -5.04
C THR A 155 3.24 9.34 -3.54
N PRO A 156 4.33 9.46 -2.75
CA PRO A 156 4.21 9.42 -1.30
C PRO A 156 3.15 10.39 -0.79
N HIS A 157 3.22 11.63 -1.29
CA HIS A 157 2.24 12.66 -0.96
C HIS A 157 0.82 12.14 -1.17
N ALA A 158 0.55 11.63 -2.38
CA ALA A 158 -0.78 11.19 -2.73
C ALA A 158 -1.27 10.00 -1.90
N ILE A 159 -0.44 8.96 -1.75
CA ILE A 159 -0.89 7.74 -1.10
C ILE A 159 -1.03 7.95 0.40
N ALA A 160 -0.16 8.78 1.00
CA ALA A 160 -0.29 9.12 2.41
C ALA A 160 -1.64 9.78 2.72
N LEU A 161 -2.04 10.74 1.89
CA LEU A 161 -3.30 11.42 2.12
C LEU A 161 -4.49 10.46 1.96
N VAL A 162 -4.41 9.58 0.95
CA VAL A 162 -5.41 8.54 0.74
C VAL A 162 -5.57 7.65 1.96
N LEU A 163 -4.44 7.17 2.49
CA LEU A 163 -4.48 6.26 3.63
C LEU A 163 -5.07 6.98 4.84
N GLN A 164 -4.65 8.23 5.05
CA GLN A 164 -5.19 9.06 6.11
C GLN A 164 -6.72 9.18 6.03
N GLN A 165 -7.24 9.52 4.84
CA GLN A 165 -8.68 9.61 4.66
C GLN A 165 -9.40 8.31 5.03
N LEU A 166 -8.83 7.18 4.60
CA LEU A 166 -9.46 5.87 4.78
C LEU A 166 -9.44 5.33 6.21
N VAL A 167 -8.35 5.59 6.93
CA VAL A 167 -8.16 4.99 8.24
C VAL A 167 -8.50 5.97 9.35
N LEU A 168 -8.05 7.23 9.22
CA LEU A 168 -8.26 8.23 10.25
C LEU A 168 -9.38 9.23 9.93
N GLY A 169 -9.73 9.35 8.64
CA GLY A 169 -10.85 10.18 8.23
C GLY A 169 -12.16 9.40 8.12
N ASN A 170 -13.09 9.96 7.36
CA ASN A 170 -14.42 9.40 7.29
C ASN A 170 -14.76 9.05 5.84
N ALA A 171 -13.74 8.67 5.06
CA ALA A 171 -13.96 8.07 3.76
C ALA A 171 -14.83 6.83 3.77
N LEU A 172 -14.82 6.09 4.89
CA LEU A 172 -15.67 4.92 5.05
C LEU A 172 -16.48 5.10 6.32
N PRO A 173 -17.69 4.52 6.41
CA PRO A 173 -18.41 4.52 7.67
C PRO A 173 -17.69 3.66 8.72
N PRO A 174 -17.88 3.94 10.03
CA PRO A 174 -17.05 3.32 11.07
C PRO A 174 -16.94 1.81 10.95
N ASP A 175 -18.06 1.12 10.69
CA ASP A 175 -18.03 -0.33 10.56
C ASP A 175 -17.02 -0.75 9.47
N LYS A 176 -17.16 -0.19 8.28
CA LYS A 176 -16.26 -0.53 7.18
C LYS A 176 -14.85 -0.09 7.51
N ARG A 177 -14.71 1.06 8.18
CA ARG A 177 -13.41 1.60 8.56
C ARG A 177 -12.65 0.63 9.47
N ALA A 178 -13.38 -0.02 10.38
CA ALA A 178 -12.79 -0.92 11.35
C ALA A 178 -12.30 -2.22 10.69
N LEU A 179 -13.03 -2.69 9.67
CA LEU A 179 -12.62 -3.89 8.96
C LEU A 179 -11.31 -3.65 8.21
N LEU A 180 -11.23 -2.52 7.49
CA LEU A 180 -10.03 -2.17 6.76
C LEU A 180 -8.88 -2.02 7.75
N THR A 181 -9.14 -1.28 8.83
CA THR A 181 -8.14 -1.06 9.86
C THR A 181 -7.70 -2.38 10.48
N ASP A 182 -8.66 -3.27 10.75
CA ASP A 182 -8.36 -4.51 11.46
C ASP A 182 -7.45 -5.37 10.58
N TRP A 183 -7.82 -5.51 9.30
CA TRP A 183 -7.02 -6.32 8.39
C TRP A 183 -5.57 -5.82 8.35
N MET A 184 -5.40 -4.50 8.27
CA MET A 184 -4.07 -3.92 8.14
C MET A 184 -3.24 -4.18 9.41
N ALA A 185 -3.91 -4.14 10.56
CA ALA A 185 -3.31 -4.46 11.85
C ALA A 185 -2.77 -5.89 11.92
N ARG A 186 -3.45 -6.83 11.27
CA ARG A 186 -3.05 -8.24 11.31
C ARG A 186 -2.08 -8.62 10.19
N ASN A 187 -1.62 -7.63 9.40
CA ASN A 187 -0.56 -7.88 8.43
C ASN A 187 0.81 -8.01 9.09
N THR A 188 1.59 -9.02 8.69
CA THR A 188 2.95 -9.15 9.22
C THR A 188 4.07 -8.93 8.20
N THR A 189 3.72 -8.75 6.92
CA THR A 189 4.73 -8.63 5.87
C THR A 189 5.64 -7.42 6.01
N GLY A 190 5.31 -6.49 6.91
CA GLY A 190 6.03 -5.24 7.05
C GLY A 190 6.93 -5.13 8.26
N ALA A 191 7.21 -6.25 8.94
CA ALA A 191 8.00 -6.25 10.16
C ALA A 191 9.40 -5.64 10.02
N LYS A 192 9.96 -5.67 8.80
CA LYS A 192 11.28 -5.10 8.56
C LYS A 192 11.31 -3.74 7.87
N ARG A 193 10.14 -3.08 7.75
CA ARG A 193 10.07 -1.77 7.14
C ARG A 193 9.71 -0.72 8.20
N ILE A 194 8.58 -0.01 8.04
CA ILE A 194 8.24 1.07 8.95
C ILE A 194 8.24 0.59 10.40
N ARG A 195 7.60 -0.56 10.65
CA ARG A 195 7.54 -1.21 11.96
C ARG A 195 8.89 -1.31 12.67
N ALA A 196 9.96 -1.58 11.91
CA ALA A 196 11.29 -1.73 12.48
C ALA A 196 11.89 -0.39 12.93
N GLY A 197 11.47 0.72 12.31
CA GLY A 197 11.99 2.04 12.60
C GLY A 197 11.30 2.76 13.76
N PHE A 198 10.08 2.36 14.11
CA PHE A 198 9.35 2.96 15.22
C PHE A 198 9.64 2.19 16.51
N PRO A 199 9.69 2.85 17.69
CA PRO A 199 9.77 2.13 18.95
C PRO A 199 8.67 1.09 19.10
N ALA A 200 8.99 0.01 19.82
CA ALA A 200 8.11 -1.16 19.90
C ALA A 200 6.85 -0.90 20.73
N ASP A 201 6.81 0.22 21.45
CA ASP A 201 5.62 0.60 22.19
C ASP A 201 4.67 1.45 21.35
N TRP A 202 5.06 1.78 20.11
CA TRP A 202 4.12 2.36 19.15
C TRP A 202 3.33 1.26 18.44
N LYS A 203 2.12 1.60 18.00
CA LYS A 203 1.31 0.74 17.16
C LYS A 203 1.52 1.15 15.71
N VAL A 204 1.71 0.15 14.85
CA VAL A 204 1.98 0.34 13.44
C VAL A 204 1.13 -0.67 12.66
N ILE A 205 0.34 -0.16 11.73
CA ILE A 205 -0.38 -1.00 10.80
C ILE A 205 0.05 -0.53 9.42
N ASP A 206 0.17 -1.46 8.46
CA ASP A 206 0.82 -1.13 7.21
C ASP A 206 0.42 -2.00 6.04
N LYS A 207 0.73 -1.53 4.83
CA LYS A 207 0.66 -2.33 3.63
C LYS A 207 1.94 -2.09 2.85
N THR A 208 2.61 -3.19 2.49
CA THR A 208 3.89 -3.15 1.81
C THR A 208 3.71 -3.28 0.30
N GLY A 209 4.80 -3.03 -0.43
CA GLY A 209 4.88 -3.31 -1.85
C GLY A 209 6.34 -3.55 -2.25
N THR A 210 6.54 -4.49 -3.17
CA THR A 210 7.88 -4.85 -3.65
C THR A 210 7.80 -5.12 -5.15
N GLY A 211 8.87 -4.77 -5.87
CA GLY A 211 8.87 -4.98 -7.32
C GLY A 211 10.27 -4.97 -7.91
N ASP A 212 10.34 -5.02 -9.24
CA ASP A 212 11.60 -4.99 -9.96
C ASP A 212 12.23 -3.59 -9.83
N TYR A 213 13.48 -3.48 -10.29
CA TYR A 213 14.20 -2.21 -10.23
C TYR A 213 14.32 -1.74 -8.78
N GLY A 214 14.54 -2.69 -7.87
CA GLY A 214 14.85 -2.40 -6.48
C GLY A 214 13.72 -1.72 -5.72
N ARG A 215 12.48 -1.93 -6.18
CA ARG A 215 11.31 -1.26 -5.64
C ARG A 215 10.91 -1.85 -4.30
N ALA A 216 10.87 -1.01 -3.27
CA ALA A 216 10.31 -1.36 -1.97
C ALA A 216 9.55 -0.17 -1.38
N ASN A 217 8.27 -0.40 -1.06
CA ASN A 217 7.42 0.58 -0.39
C ASN A 217 6.79 0.07 0.90
N ASP A 218 6.30 1.01 1.70
CA ASP A 218 5.48 0.71 2.87
C ASP A 218 4.64 1.94 3.19
N ILE A 219 3.33 1.72 3.37
CA ILE A 219 2.42 2.76 3.81
C ILE A 219 1.83 2.31 5.14
N ALA A 220 1.77 3.24 6.11
CA ALA A 220 1.45 2.90 7.48
C ALA A 220 0.65 3.98 8.20
N VAL A 221 -0.18 3.53 9.14
CA VAL A 221 -0.72 4.38 10.18
C VAL A 221 -0.02 3.94 11.45
N VAL A 222 0.46 4.91 12.23
CA VAL A 222 1.14 4.62 13.48
C VAL A 222 0.45 5.41 14.59
N TRP A 223 0.42 4.82 15.79
CA TRP A 223 -0.07 5.49 16.98
C TRP A 223 1.00 5.48 18.06
N SER A 224 1.27 6.64 18.65
CA SER A 224 2.15 6.75 19.80
C SER A 224 1.59 5.97 20.99
N PRO A 225 2.40 5.74 22.05
CA PRO A 225 1.87 5.14 23.28
C PRO A 225 0.71 5.91 23.90
N THR A 226 0.68 7.23 23.68
CA THR A 226 -0.39 8.10 24.17
C THR A 226 -1.65 8.11 23.29
N GLY A 227 -1.62 7.38 22.17
CA GLY A 227 -2.75 7.32 21.26
C GLY A 227 -2.80 8.45 20.25
N VAL A 228 -1.63 8.97 19.86
CA VAL A 228 -1.54 10.06 18.90
C VAL A 228 -1.19 9.51 17.52
N PRO A 229 -2.10 9.61 16.53
CA PRO A 229 -1.92 8.96 15.23
C PRO A 229 -1.11 9.78 14.21
N TYR A 230 -0.34 9.07 13.37
CA TYR A 230 0.37 9.67 12.24
C TYR A 230 0.26 8.72 11.06
N VAL A 231 0.47 9.25 9.86
CA VAL A 231 0.46 8.46 8.64
C VAL A 231 1.84 8.58 8.03
N VAL A 232 2.40 7.44 7.61
CA VAL A 232 3.76 7.42 7.09
C VAL A 232 3.84 6.67 5.77
N ALA A 233 4.27 7.39 4.72
CA ALA A 233 4.47 6.81 3.40
C ALA A 233 5.94 6.84 3.00
N VAL A 234 6.51 5.67 2.76
CA VAL A 234 7.90 5.53 2.38
C VAL A 234 7.92 4.67 1.13
N MET A 235 8.63 5.16 0.11
CA MET A 235 8.72 4.51 -1.18
C MET A 235 10.17 4.60 -1.66
N SER A 236 10.64 3.56 -2.36
CA SER A 236 11.99 3.54 -2.87
C SER A 236 12.10 2.67 -4.12
N ASP A 237 13.14 2.94 -4.92
CA ASP A 237 13.56 2.03 -5.98
C ASP A 237 15.02 2.27 -6.32
N ARG A 238 15.58 1.38 -7.14
CA ARG A 238 16.98 1.42 -7.49
C ARG A 238 17.13 1.12 -8.98
N ALA A 239 16.60 2.05 -9.80
CA ALA A 239 16.54 1.88 -11.24
C ALA A 239 17.93 1.75 -11.85
N GLY A 240 18.90 2.44 -11.24
CA GLY A 240 20.30 2.32 -11.64
C GLY A 240 20.81 0.88 -11.70
N GLY A 241 20.19 -0.02 -10.93
CA GLY A 241 20.59 -1.43 -10.94
C GLY A 241 19.87 -2.30 -11.98
N GLY A 242 18.95 -1.70 -12.75
CA GLY A 242 18.15 -2.45 -13.71
C GLY A 242 17.05 -3.30 -13.09
N TYR A 243 16.44 -4.15 -13.92
CA TYR A 243 15.32 -5.01 -13.53
C TYR A 243 15.59 -5.81 -12.27
N ASP A 244 16.78 -6.42 -12.21
CA ASP A 244 17.15 -7.36 -11.16
C ASP A 244 17.65 -6.70 -9.87
N ALA A 245 17.76 -5.37 -9.86
CA ALA A 245 18.26 -4.67 -8.67
C ALA A 245 17.54 -5.18 -7.43
N GLU A 246 18.31 -5.43 -6.37
CA GLU A 246 17.74 -5.90 -5.11
C GLU A 246 16.99 -4.75 -4.43
N PRO A 247 15.77 -4.99 -3.91
CA PRO A 247 15.15 -4.03 -3.01
C PRO A 247 15.79 -4.07 -1.64
N ARG A 248 15.77 -2.94 -0.93
CA ARG A 248 16.39 -2.85 0.38
C ARG A 248 15.39 -2.40 1.44
N GLU A 249 14.86 -3.39 2.18
CA GLU A 249 13.98 -3.16 3.31
C GLU A 249 14.58 -2.23 4.35
N ALA A 250 15.90 -2.36 4.59
CA ALA A 250 16.57 -1.62 5.65
C ALA A 250 16.56 -0.11 5.38
N LEU A 251 16.54 0.28 4.10
CA LEU A 251 16.44 1.67 3.72
C LEU A 251 15.16 2.31 4.27
N LEU A 252 14.04 1.58 4.14
CA LEU A 252 12.74 2.03 4.66
C LEU A 252 12.75 2.09 6.18
N ALA A 253 13.32 1.07 6.83
CA ALA A 253 13.41 1.03 8.28
C ALA A 253 14.19 2.22 8.85
N GLU A 254 15.34 2.51 8.23
CA GLU A 254 16.15 3.66 8.64
C GLU A 254 15.41 4.98 8.41
N ALA A 255 14.82 5.13 7.20
CA ALA A 255 13.98 6.27 6.89
C ALA A 255 12.90 6.46 7.97
N ALA A 256 12.26 5.36 8.36
CA ALA A 256 11.23 5.42 9.38
C ALA A 256 11.82 5.84 10.74
N THR A 257 13.02 5.34 11.05
CA THR A 257 13.70 5.71 12.28
C THR A 257 13.90 7.22 12.40
N CYS A 258 14.25 7.87 11.27
CA CYS A 258 14.36 9.32 11.20
C CYS A 258 13.01 9.99 11.47
N VAL A 259 11.96 9.51 10.81
CA VAL A 259 10.61 10.04 11.01
C VAL A 259 10.21 9.94 12.49
N ALA A 260 10.40 8.75 13.06
CA ALA A 260 10.04 8.50 14.45
C ALA A 260 10.76 9.41 15.43
N GLY A 261 12.04 9.71 15.15
CA GLY A 261 12.84 10.59 15.98
C GLY A 261 12.27 12.00 16.07
N VAL A 262 11.66 12.45 14.96
CA VAL A 262 11.04 13.75 14.88
C VAL A 262 9.68 13.83 15.59
N LEU A 263 8.89 12.75 15.49
CA LEU A 263 7.56 12.70 16.04
C LEU A 263 7.53 12.33 17.53
N ALA A 264 8.60 11.71 18.04
CA ALA A 264 8.63 11.22 19.40
C ALA A 264 8.98 12.34 20.36
#